data_8PPE
#
_entry.id   8PPE
#
_cell.length_a   72.554
_cell.length_b   97.547
_cell.length_c   190.440
_cell.angle_alpha   90.00
_cell.angle_beta   90.00
_cell.angle_gamma   90.00
#
_symmetry.space_group_name_H-M   'C 2 2 21'
#
loop_
_entity.id
_entity.type
_entity.pdbx_description
1 polymer 'Inositol-trisphosphate 3-kinase A'
2 non-polymer "ADENOSINE-5'-DIPHOSPHATE"
3 non-polymer 'DL-6-deoxy-6-phosphoryloxymethyl-scyllo-inositol 1,2,4-trisphosphate'
4 non-polymer GLYCEROL
5 non-polymer 'MANGANESE (II) ION'
6 water water
#
_entity_poly.entity_id   1
_entity_poly.type   'polypeptide(L)'
_entity_poly.pdbx_seq_one_letter_code
;GSHMSWVQLAGHTGSFKAAGTSGLILKRCSEPERYCLARLMADALRGCVPAFHGVVERDGESYLQLQDLLDGFDGPCVLD
CKMGVRTYLEEELTKARERPKLRKDMYKKMLAVDPEAPTEEEHAQRAVTKPRYMQWREGISSSTTLGFRIEGIKKADGSC
STDFKTTRSREQVLRVFEEFVQGDEEVLRRYLNRLQQIRDTLEVSEFFRRHEVIGSSLLFVHDHCHRAGVWLIDFGKTTP
LPDGQILDHRRPWEEGNREDGYLLGLDNLIGILASLAER
;
_entity_poly.pdbx_strand_id   A,B
#
loop_
_chem_comp.id
_chem_comp.type
_chem_comp.name
_chem_comp.formula
7I8 non-polymer 'DL-6-deoxy-6-phosphoryloxymethyl-scyllo-inositol 1,2,4-trisphosphate' 'C7 H18 O18 P4'
ADP non-polymer ADENOSINE-5'-DIPHOSPHATE 'C10 H15 N5 O10 P2'
GOL non-polymer GLYCEROL 'C3 H8 O3'
MN non-polymer 'MANGANESE (II) ION' 'Mn 2'
#
# COMPACT_ATOMS: atom_id res chain seq x y z
N GLY A 1 3.95 3.83 -17.11
CA GLY A 1 3.94 3.11 -18.42
C GLY A 1 2.76 2.16 -18.55
N SER A 2 2.32 1.54 -17.45
CA SER A 2 1.10 0.70 -17.38
C SER A 2 0.70 0.49 -15.91
N HIS A 3 -0.61 0.37 -15.64
CA HIS A 3 -1.17 0.07 -14.29
C HIS A 3 -0.99 -1.42 -13.97
N MET A 4 -1.09 -2.29 -14.99
CA MET A 4 -0.90 -3.77 -14.85
C MET A 4 0.55 -4.07 -14.45
N SER A 5 1.51 -3.27 -14.94
CA SER A 5 2.96 -3.34 -14.58
C SER A 5 3.13 -3.07 -13.07
N TRP A 6 2.44 -2.05 -12.54
CA TRP A 6 2.37 -1.76 -11.08
C TRP A 6 1.65 -2.92 -10.38
N VAL A 7 0.51 -3.36 -10.90
CA VAL A 7 -0.26 -4.55 -10.40
C VAL A 7 0.64 -5.79 -10.55
N SER A 15 -9.79 -6.30 -9.94
CA SER A 15 -10.73 -5.37 -10.64
C SER A 15 -10.27 -5.11 -12.08
N PHE A 16 -8.96 -5.07 -12.33
CA PHE A 16 -8.34 -4.81 -13.66
C PHE A 16 -7.68 -6.09 -14.20
N LYS A 17 -7.44 -6.10 -15.51
CA LYS A 17 -6.83 -7.23 -16.27
C LYS A 17 -6.01 -6.64 -17.43
N ALA A 18 -4.90 -7.29 -17.78
CA ALA A 18 -4.03 -6.92 -18.92
C ALA A 18 -4.82 -7.02 -20.23
N ALA A 19 -4.68 -6.03 -21.12
CA ALA A 19 -5.26 -6.01 -22.48
C ALA A 19 -4.23 -6.55 -23.48
N GLY A 20 -4.68 -7.01 -24.65
CA GLY A 20 -3.81 -7.50 -25.72
C GLY A 20 -3.17 -6.36 -26.50
N THR A 21 -3.87 -5.23 -26.61
CA THR A 21 -3.44 -4.00 -27.32
C THR A 21 -2.60 -3.12 -26.39
N SER A 22 -1.46 -2.63 -26.86
CA SER A 22 -0.55 -1.71 -26.14
C SER A 22 -1.29 -0.42 -25.78
N GLY A 23 -1.12 0.07 -24.55
CA GLY A 23 -1.72 1.35 -24.08
C GLY A 23 -3.17 1.21 -23.65
N LEU A 24 -3.69 -0.02 -23.59
CA LEU A 24 -5.08 -0.30 -23.15
C LEU A 24 -5.05 -1.11 -21.86
N ILE A 25 -6.19 -1.17 -21.17
CA ILE A 25 -6.36 -1.94 -19.92
C ILE A 25 -7.81 -2.40 -19.82
N LEU A 26 -8.05 -3.54 -19.19
CA LEU A 26 -9.41 -4.09 -19.05
C LEU A 26 -9.87 -3.90 -17.60
N LYS A 27 -11.08 -3.38 -17.43
CA LYS A 27 -11.74 -3.26 -16.11
C LYS A 27 -13.03 -4.07 -16.14
N ARG A 28 -13.29 -4.89 -15.11
CA ARG A 28 -14.54 -5.69 -14.99
C ARG A 28 -15.72 -4.78 -15.32
N CYS A 29 -16.57 -5.21 -16.25
CA CYS A 29 -17.75 -4.43 -16.71
C CYS A 29 -18.85 -4.43 -15.63
N SER A 30 -19.28 -3.24 -15.23
CA SER A 30 -20.45 -2.96 -14.36
C SER A 30 -21.42 -2.13 -15.20
N GLU A 31 -22.74 -2.28 -15.03
CA GLU A 31 -23.69 -1.70 -16.01
C GLU A 31 -23.75 -0.17 -15.88
N PRO A 32 -23.77 0.41 -14.66
CA PRO A 32 -23.80 1.86 -14.54
C PRO A 32 -22.55 2.44 -15.21
N GLU A 33 -21.38 1.82 -14.99
CA GLU A 33 -20.10 2.40 -15.48
C GLU A 33 -20.09 2.32 -17.01
N ARG A 34 -20.48 1.19 -17.61
CA ARG A 34 -20.53 1.08 -19.08
C ARG A 34 -21.45 2.17 -19.65
N TYR A 35 -22.65 2.31 -19.08
CA TYR A 35 -23.65 3.33 -19.49
C TYR A 35 -22.97 4.71 -19.43
N CYS A 36 -22.27 5.00 -18.32
CA CYS A 36 -21.66 6.34 -18.11
C CYS A 36 -20.53 6.57 -19.14
N LEU A 37 -19.64 5.59 -19.34
CA LEU A 37 -18.49 5.82 -20.25
C LEU A 37 -18.98 6.05 -21.67
N ALA A 38 -20.02 5.31 -22.07
CA ALA A 38 -20.62 5.44 -23.42
C ALA A 38 -21.10 6.88 -23.60
N ARG A 39 -21.81 7.42 -22.62
CA ARG A 39 -22.36 8.80 -22.62
C ARG A 39 -21.19 9.79 -22.65
N LEU A 40 -20.17 9.53 -21.84
CA LEU A 40 -19.05 10.49 -21.65
C LEU A 40 -18.26 10.66 -22.96
N MET A 41 -18.17 9.64 -23.82
CA MET A 41 -17.39 9.70 -25.09
C MET A 41 -18.04 10.71 -26.06
N ALA A 42 -19.32 11.01 -25.86
CA ALA A 42 -20.13 11.97 -26.67
C ALA A 42 -20.44 13.25 -25.90
N ASP A 43 -19.74 13.50 -24.78
CA ASP A 43 -20.01 14.63 -23.86
C ASP A 43 -18.83 15.61 -23.91
N ALA A 44 -19.04 16.82 -23.40
CA ALA A 44 -17.96 17.82 -23.20
C ALA A 44 -16.83 17.17 -22.39
N LEU A 45 -17.13 16.21 -21.50
CA LEU A 45 -16.11 15.59 -20.61
C LEU A 45 -15.31 14.49 -21.32
N ARG A 46 -15.51 14.22 -22.60
CA ARG A 46 -14.78 13.18 -23.37
C ARG A 46 -13.27 13.17 -23.06
N GLY A 47 -12.58 14.32 -23.11
CA GLY A 47 -11.11 14.33 -22.92
C GLY A 47 -10.70 14.28 -21.46
N CYS A 48 -11.66 14.35 -20.52
CA CYS A 48 -11.40 14.45 -19.07
C CYS A 48 -11.50 13.07 -18.43
N VAL A 49 -11.79 12.04 -19.22
CA VAL A 49 -12.01 10.65 -18.72
C VAL A 49 -11.16 9.75 -19.61
N PRO A 50 -10.80 8.54 -19.15
CA PRO A 50 -10.08 7.61 -20.01
C PRO A 50 -10.91 7.25 -21.24
N ALA A 51 -10.25 7.07 -22.39
CA ALA A 51 -10.92 6.65 -23.64
C ALA A 51 -11.59 5.31 -23.37
N PHE A 52 -12.84 5.16 -23.83
CA PHE A 52 -13.63 3.91 -23.71
C PHE A 52 -13.84 3.33 -25.11
N HIS A 53 -13.40 2.10 -25.33
CA HIS A 53 -13.32 1.48 -26.69
C HIS A 53 -14.41 0.43 -26.88
N GLY A 54 -15.26 0.25 -25.86
CA GLY A 54 -16.34 -0.75 -25.87
C GLY A 54 -16.03 -1.89 -24.94
N VAL A 55 -16.78 -2.99 -25.05
CA VAL A 55 -16.67 -4.17 -24.15
C VAL A 55 -16.01 -5.32 -24.92
N VAL A 56 -15.23 -6.14 -24.20
CA VAL A 56 -14.62 -7.41 -24.70
C VAL A 56 -14.91 -8.52 -23.70
N GLU A 57 -15.01 -9.76 -24.18
CA GLU A 57 -15.25 -10.96 -23.33
C GLU A 57 -13.93 -11.69 -23.10
N ARG A 58 -13.62 -12.02 -21.85
CA ARG A 58 -12.39 -12.77 -21.47
C ARG A 58 -12.75 -13.79 -20.38
N ASP A 59 -12.54 -15.08 -20.66
CA ASP A 59 -12.87 -16.20 -19.75
C ASP A 59 -14.35 -16.11 -19.35
N GLY A 60 -15.23 -15.89 -20.33
CA GLY A 60 -16.69 -15.79 -20.17
C GLY A 60 -17.11 -14.64 -19.26
N GLU A 61 -16.34 -13.54 -19.23
CA GLU A 61 -16.63 -12.35 -18.39
C GLU A 61 -16.48 -11.08 -19.23
N SER A 62 -17.27 -10.06 -18.91
CA SER A 62 -17.34 -8.77 -19.66
C SER A 62 -16.36 -7.76 -19.05
N TYR A 63 -15.52 -7.15 -19.89
CA TYR A 63 -14.50 -6.15 -19.48
C TYR A 63 -14.66 -4.88 -20.33
N LEU A 64 -14.65 -3.72 -19.66
CA LEU A 64 -14.51 -2.41 -20.33
C LEU A 64 -13.08 -2.34 -20.87
N GLN A 65 -12.93 -1.99 -22.15
CA GLN A 65 -11.63 -1.77 -22.82
C GLN A 65 -11.29 -0.28 -22.70
N LEU A 66 -10.36 0.07 -21.80
CA LEU A 66 -10.04 1.47 -21.45
C LEU A 66 -8.62 1.84 -21.88
N GLN A 67 -8.45 3.12 -22.20
CA GLN A 67 -7.13 3.79 -22.18
C GLN A 67 -6.44 3.44 -20.85
N ASP A 68 -5.20 2.97 -20.92
CA ASP A 68 -4.29 2.91 -19.74
C ASP A 68 -3.69 4.30 -19.54
N LEU A 69 -4.18 5.03 -18.53
CA LEU A 69 -3.75 6.42 -18.25
C LEU A 69 -2.25 6.49 -17.91
N LEU A 70 -1.63 5.39 -17.49
CA LEU A 70 -0.20 5.41 -17.08
C LEU A 70 0.73 5.24 -18.30
N ASP A 71 0.20 4.88 -19.46
CA ASP A 71 0.98 4.54 -20.68
C ASP A 71 1.92 5.68 -21.09
N GLY A 72 1.43 6.93 -21.06
CA GLY A 72 2.21 8.11 -21.49
C GLY A 72 3.45 8.39 -20.64
N PHE A 73 3.52 7.86 -19.41
CA PHE A 73 4.45 8.32 -18.36
C PHE A 73 5.64 7.39 -18.21
N ASP A 74 6.77 7.94 -17.75
CA ASP A 74 8.02 7.19 -17.46
C ASP A 74 8.16 7.14 -15.95
N GLY A 75 7.75 6.03 -15.32
CA GLY A 75 7.80 5.87 -13.85
C GLY A 75 6.76 6.72 -13.15
N PRO A 76 5.46 6.59 -13.53
CA PRO A 76 4.42 7.48 -13.01
C PRO A 76 4.24 7.39 -11.49
N CYS A 77 4.10 8.57 -10.88
CA CYS A 77 3.55 8.82 -9.52
C CYS A 77 2.05 9.02 -9.66
N VAL A 78 1.25 8.36 -8.81
CA VAL A 78 -0.23 8.38 -8.92
C VAL A 78 -0.84 8.80 -7.58
N LEU A 79 -1.80 9.71 -7.61
CA LEU A 79 -2.63 10.01 -6.42
C LEU A 79 -4.09 9.90 -6.82
N ASP A 80 -4.89 9.13 -6.08
N ASP A 80 -4.87 9.25 -5.95
CA ASP A 80 -6.34 8.98 -6.37
CA ASP A 80 -6.34 9.02 -6.11
C ASP A 80 -7.11 9.75 -5.30
C ASP A 80 -7.06 9.95 -5.13
N CYS A 81 -7.98 10.66 -5.75
N CYS A 81 -7.87 10.88 -5.66
CA CYS A 81 -8.68 11.62 -4.89
CA CYS A 81 -8.74 11.76 -4.85
C CYS A 81 -10.20 11.40 -5.07
C CYS A 81 -10.20 11.36 -5.09
N LYS A 82 -10.87 10.82 -4.07
CA LYS A 82 -12.32 10.52 -4.12
C LYS A 82 -13.10 11.82 -3.98
N MET A 83 -13.92 12.15 -4.99
CA MET A 83 -14.66 13.43 -5.03
C MET A 83 -16.08 13.27 -4.45
N GLY A 84 -16.48 14.25 -3.67
CA GLY A 84 -17.87 14.38 -3.19
C GLY A 84 -17.90 14.51 -1.69
N VAL A 85 -18.92 15.21 -1.17
CA VAL A 85 -19.18 15.27 0.29
C VAL A 85 -19.82 13.96 0.75
N ARG A 86 -20.47 13.24 -0.16
CA ARG A 86 -21.16 11.96 0.13
C ARG A 86 -20.56 10.87 -0.76
N THR A 87 -20.40 9.67 -0.22
CA THR A 87 -19.59 8.58 -0.84
C THR A 87 -20.41 7.29 -0.99
N TYR A 88 -21.73 7.37 -0.80
CA TYR A 88 -22.68 6.25 -0.95
C TYR A 88 -23.96 6.78 -1.63
N LEU A 89 -24.69 5.91 -2.31
CA LEU A 89 -25.99 6.25 -2.97
C LEU A 89 -27.11 6.37 -1.94
N GLU A 90 -28.08 7.25 -2.19
CA GLU A 90 -29.26 7.42 -1.30
C GLU A 90 -29.98 6.09 -1.09
N GLU A 91 -30.01 5.22 -2.10
CA GLU A 91 -30.71 3.90 -2.04
C GLU A 91 -30.06 3.00 -0.96
N GLU A 92 -28.78 3.22 -0.62
CA GLU A 92 -28.08 2.46 0.45
C GLU A 92 -28.64 2.86 1.82
N LEU A 93 -29.10 4.12 1.97
CA LEU A 93 -29.73 4.62 3.22
C LEU A 93 -31.07 3.90 3.44
N THR A 94 -31.87 3.81 2.39
CA THR A 94 -33.20 3.16 2.40
C THR A 94 -33.01 1.68 2.76
N LYS A 95 -32.10 1.01 2.04
CA LYS A 95 -31.82 -0.45 2.20
C LYS A 95 -31.34 -0.73 3.64
N ALA A 96 -30.59 0.19 4.23
CA ALA A 96 -30.00 0.06 5.58
C ALA A 96 -31.09 0.17 6.65
N ARG A 97 -32.13 0.95 6.36
CA ARG A 97 -33.29 1.15 7.28
C ARG A 97 -34.22 -0.06 7.19
N GLU A 98 -34.56 -0.49 5.96
CA GLU A 98 -35.55 -1.56 5.68
C GLU A 98 -34.94 -2.95 5.89
N ARG A 99 -33.71 -3.18 5.42
CA ARG A 99 -33.08 -4.52 5.41
C ARG A 99 -31.57 -4.38 5.63
N PRO A 100 -31.11 -3.94 6.81
CA PRO A 100 -29.68 -3.74 7.05
C PRO A 100 -28.88 -5.01 6.80
N LYS A 101 -27.69 -4.86 6.22
CA LYS A 101 -26.64 -5.91 6.13
C LYS A 101 -25.51 -5.50 7.07
N LEU A 102 -25.46 -6.09 8.26
CA LEU A 102 -24.44 -5.76 9.29
C LEU A 102 -23.07 -6.27 8.83
N ARG A 103 -22.02 -5.48 9.09
CA ARG A 103 -20.66 -5.72 8.55
C ARG A 103 -19.67 -5.65 9.72
N LYS A 104 -19.12 -6.81 10.12
CA LYS A 104 -18.23 -6.92 11.30
C LYS A 104 -16.88 -6.29 10.94
N ASP A 105 -16.40 -6.54 9.71
CA ASP A 105 -15.16 -5.95 9.15
C ASP A 105 -15.14 -4.44 9.42
N MET A 106 -16.27 -3.76 9.12
CA MET A 106 -16.38 -2.28 9.20
C MET A 106 -16.38 -1.85 10.67
N TYR A 107 -17.09 -2.59 11.54
CA TYR A 107 -17.11 -2.34 13.00
C TYR A 107 -15.65 -2.37 13.51
N LYS A 108 -14.86 -3.37 13.12
CA LYS A 108 -13.47 -3.58 13.63
C LYS A 108 -12.59 -2.36 13.31
N LYS A 109 -12.66 -1.88 12.07
CA LYS A 109 -11.83 -0.75 11.56
C LYS A 109 -12.18 0.52 12.33
N MET A 110 -13.47 0.71 12.63
CA MET A 110 -13.97 1.88 13.39
C MET A 110 -13.36 1.89 14.78
N LEU A 111 -13.53 0.78 15.49
CA LEU A 111 -13.03 0.59 16.87
C LEU A 111 -11.54 0.97 16.90
N ALA A 112 -10.78 0.47 15.90
CA ALA A 112 -9.34 0.71 15.70
C ALA A 112 -9.04 2.21 15.66
N VAL A 113 -9.68 2.94 14.74
CA VAL A 113 -9.49 4.42 14.57
C VAL A 113 -10.03 5.15 15.81
N ASP A 114 -11.25 4.81 16.27
CA ASP A 114 -11.90 5.51 17.41
C ASP A 114 -12.76 4.54 18.21
N PRO A 115 -12.27 4.07 19.39
CA PRO A 115 -13.02 3.13 20.21
C PRO A 115 -14.40 3.63 20.68
N GLU A 116 -14.58 4.95 20.78
CA GLU A 116 -15.85 5.56 21.27
C GLU A 116 -16.79 5.91 20.09
N ALA A 117 -16.41 5.63 18.84
CA ALA A 117 -17.22 5.97 17.65
C ALA A 117 -18.47 5.08 17.56
N PRO A 118 -18.36 3.74 17.68
CA PRO A 118 -19.52 2.86 17.64
C PRO A 118 -20.46 3.13 18.82
N THR A 119 -21.76 2.99 18.59
CA THR A 119 -22.82 3.09 19.63
C THR A 119 -22.78 1.81 20.48
N GLU A 120 -23.49 1.82 21.61
CA GLU A 120 -23.63 0.64 22.49
C GLU A 120 -24.19 -0.54 21.68
N GLU A 121 -25.16 -0.30 20.79
CA GLU A 121 -25.84 -1.37 20.01
C GLU A 121 -24.91 -1.93 18.93
N GLU A 122 -24.15 -1.05 18.28
CA GLU A 122 -23.16 -1.50 17.26
C GLU A 122 -22.09 -2.36 17.96
N HIS A 123 -21.59 -1.91 19.12
CA HIS A 123 -20.68 -2.69 20.00
C HIS A 123 -21.30 -4.08 20.24
N ALA A 124 -22.56 -4.12 20.70
CA ALA A 124 -23.28 -5.37 21.00
C ALA A 124 -23.43 -6.23 19.73
N GLN A 125 -23.74 -5.62 18.59
CA GLN A 125 -23.84 -6.31 17.26
C GLN A 125 -22.44 -6.73 16.77
N ARG A 126 -21.39 -6.06 17.24
CA ARG A 126 -20.01 -6.14 16.69
C ARG A 126 -20.06 -5.83 15.19
N ALA A 127 -20.95 -4.91 14.77
CA ALA A 127 -21.20 -4.63 13.35
C ALA A 127 -21.93 -3.29 13.16
N VAL A 128 -21.77 -2.72 11.97
CA VAL A 128 -22.42 -1.45 11.56
C VAL A 128 -22.95 -1.63 10.13
N THR A 129 -23.82 -0.73 9.68
CA THR A 129 -24.31 -0.69 8.28
C THR A 129 -23.27 0.03 7.42
N LYS A 130 -23.31 -0.19 6.10
CA LYS A 130 -22.35 0.45 5.16
C LYS A 130 -22.52 1.96 5.22
N PRO A 131 -23.74 2.53 5.10
CA PRO A 131 -23.92 3.99 5.13
C PRO A 131 -23.36 4.62 6.41
N ARG A 132 -23.57 3.96 7.55
CA ARG A 132 -23.03 4.43 8.87
C ARG A 132 -21.49 4.46 8.77
N TYR A 133 -20.88 3.38 8.27
CA TYR A 133 -19.40 3.27 8.15
C TYR A 133 -18.89 4.36 7.21
N MET A 134 -19.58 4.53 6.09
CA MET A 134 -19.13 5.47 5.02
C MET A 134 -19.30 6.90 5.54
N GLN A 135 -20.41 7.21 6.23
CA GLN A 135 -20.61 8.54 6.88
C GLN A 135 -19.50 8.81 7.90
N TRP A 136 -19.15 7.81 8.71
CA TRP A 136 -18.04 7.92 9.69
C TRP A 136 -16.72 8.25 8.96
N ARG A 137 -16.39 7.50 7.89
CA ARG A 137 -15.19 7.70 7.03
C ARG A 137 -15.19 9.13 6.44
N GLU A 138 -16.36 9.66 6.08
CA GLU A 138 -16.47 11.03 5.53
C GLU A 138 -16.06 12.06 6.57
N GLY A 139 -16.37 11.82 7.86
CA GLY A 139 -16.19 12.82 8.92
C GLY A 139 -14.78 12.83 9.53
N ILE A 140 -14.06 11.71 9.51
CA ILE A 140 -12.67 11.66 10.06
C ILE A 140 -11.68 12.07 8.95
N SER A 141 -12.14 12.05 7.70
CA SER A 141 -11.37 12.51 6.52
C SER A 141 -11.83 13.92 6.13
N SER A 142 -11.36 14.44 4.99
CA SER A 142 -11.71 15.78 4.48
C SER A 142 -13.05 15.72 3.73
N SER A 143 -13.65 14.55 3.52
CA SER A 143 -14.85 14.40 2.64
C SER A 143 -15.96 15.35 3.11
N THR A 144 -16.38 15.28 4.39
CA THR A 144 -17.55 16.08 4.89
C THR A 144 -17.29 17.58 4.73
N THR A 145 -16.12 18.06 5.14
CA THR A 145 -15.77 19.51 5.26
C THR A 145 -15.32 20.09 3.91
N LEU A 146 -14.51 19.37 3.15
CA LEU A 146 -13.89 19.91 1.90
C LEU A 146 -14.49 19.29 0.64
N GLY A 147 -15.23 18.18 0.73
CA GLY A 147 -15.89 17.57 -0.43
C GLY A 147 -14.97 16.73 -1.29
N PHE A 148 -13.83 16.31 -0.76
CA PHE A 148 -12.96 15.28 -1.40
C PHE A 148 -12.08 14.68 -0.32
N ARG A 149 -11.43 13.59 -0.65
CA ARG A 149 -10.39 13.01 0.23
C ARG A 149 -9.36 12.24 -0.60
N ILE A 150 -8.12 12.28 -0.13
CA ILE A 150 -7.02 11.49 -0.70
C ILE A 150 -7.22 10.04 -0.26
N GLU A 151 -7.24 9.11 -1.20
CA GLU A 151 -7.45 7.67 -0.94
C GLU A 151 -6.11 6.94 -0.99
N GLY A 152 -5.21 7.33 -1.90
CA GLY A 152 -3.98 6.54 -2.06
C GLY A 152 -2.91 7.21 -2.91
N ILE A 153 -1.66 6.83 -2.70
CA ILE A 153 -0.55 7.24 -3.59
C ILE A 153 0.21 6.00 -4.05
N LYS A 154 0.64 5.98 -5.30
CA LYS A 154 1.60 4.99 -5.85
C LYS A 154 2.80 5.79 -6.36
N LYS A 155 3.98 5.62 -5.72
CA LYS A 155 5.19 6.45 -5.97
C LYS A 155 6.04 5.81 -7.06
N ALA A 156 6.97 6.60 -7.61
CA ALA A 156 7.92 6.21 -8.68
C ALA A 156 8.86 5.09 -8.19
N ASP A 157 9.15 5.02 -6.88
CA ASP A 157 10.02 3.98 -6.26
C ASP A 157 9.25 2.68 -5.99
N GLY A 158 8.03 2.51 -6.52
CA GLY A 158 7.24 1.27 -6.40
C GLY A 158 6.44 1.21 -5.10
N SER A 159 6.74 2.12 -4.17
CA SER A 159 6.05 2.23 -2.86
C SER A 159 4.62 2.74 -3.07
N CYS A 160 3.67 2.17 -2.34
CA CYS A 160 2.25 2.60 -2.33
C CYS A 160 1.79 2.86 -0.90
N SER A 161 0.83 3.76 -0.72
CA SER A 161 0.24 4.08 0.60
C SER A 161 -1.26 4.36 0.45
N THR A 162 -2.05 3.82 1.39
CA THR A 162 -3.49 4.16 1.60
C THR A 162 -3.71 4.72 3.00
N ASP A 163 -2.65 5.17 3.69
CA ASP A 163 -2.70 5.63 5.11
C ASP A 163 -3.11 7.10 5.19
N PHE A 164 -4.35 7.42 4.78
CA PHE A 164 -4.91 8.79 4.70
C PHE A 164 -6.31 8.88 5.32
N LYS A 165 -6.74 7.83 6.03
CA LYS A 165 -8.14 7.76 6.57
C LYS A 165 -8.42 8.95 7.50
N THR A 166 -7.41 9.54 8.17
CA THR A 166 -7.62 10.68 9.11
C THR A 166 -6.98 11.97 8.58
N THR A 167 -6.66 12.03 7.28
CA THR A 167 -6.24 13.27 6.58
C THR A 167 -7.48 14.13 6.38
N ARG A 168 -7.62 15.20 7.18
CA ARG A 168 -8.91 15.95 7.27
C ARG A 168 -8.72 17.45 7.06
N SER A 169 -7.73 18.09 7.68
CA SER A 169 -7.57 19.57 7.65
C SER A 169 -7.02 19.98 6.29
N ARG A 170 -7.27 21.23 5.90
CA ARG A 170 -6.74 21.87 4.66
C ARG A 170 -5.23 21.69 4.63
N GLU A 171 -4.55 21.95 5.75
CA GLU A 171 -3.07 21.90 5.88
C GLU A 171 -2.59 20.45 5.74
N GLN A 172 -3.29 19.49 6.36
CA GLN A 172 -2.94 18.05 6.23
C GLN A 172 -3.01 17.62 4.76
N VAL A 173 -4.06 18.01 4.06
CA VAL A 173 -4.23 17.67 2.62
C VAL A 173 -3.09 18.35 1.84
N LEU A 174 -2.85 19.63 2.09
CA LEU A 174 -1.78 20.40 1.38
C LEU A 174 -0.45 19.64 1.55
N ARG A 175 -0.18 19.14 2.75
CA ARG A 175 1.12 18.48 3.06
C ARG A 175 1.25 17.18 2.26
N VAL A 176 0.15 16.44 2.04
CA VAL A 176 0.20 15.20 1.22
C VAL A 176 0.55 15.59 -0.22
N PHE A 177 -0.12 16.61 -0.77
CA PHE A 177 0.15 17.05 -2.16
C PHE A 177 1.58 17.58 -2.25
N GLU A 178 2.03 18.31 -1.22
CA GLU A 178 3.42 18.86 -1.17
C GLU A 178 4.42 17.70 -1.28
N GLU A 179 4.20 16.63 -0.54
CA GLU A 179 5.11 15.46 -0.58
C GLU A 179 4.98 14.75 -1.94
N PHE A 180 3.78 14.70 -2.51
CA PHE A 180 3.49 14.01 -3.78
C PHE A 180 4.27 14.66 -4.94
N VAL A 181 4.23 15.98 -5.04
CA VAL A 181 4.81 16.72 -6.22
C VAL A 181 6.31 16.97 -5.97
N GLN A 182 6.81 16.80 -4.75
CA GLN A 182 8.27 16.85 -4.44
C GLN A 182 8.91 18.08 -5.07
N GLY A 183 8.32 19.25 -4.89
CA GLY A 183 8.87 20.55 -5.27
C GLY A 183 8.92 20.79 -6.79
N ASP A 184 8.29 19.94 -7.60
CA ASP A 184 8.29 20.10 -9.09
C ASP A 184 7.26 21.18 -9.46
N GLU A 185 7.73 22.40 -9.76
CA GLU A 185 6.85 23.56 -10.00
C GLU A 185 6.06 23.33 -11.28
N GLU A 186 6.69 22.66 -12.25
CA GLU A 186 6.11 22.44 -13.60
C GLU A 186 4.95 21.43 -13.46
N VAL A 187 5.16 20.35 -12.72
CA VAL A 187 4.06 19.36 -12.48
C VAL A 187 2.89 20.09 -11.79
N LEU A 188 3.14 20.88 -10.76
CA LEU A 188 2.05 21.55 -10.01
C LEU A 188 1.31 22.54 -10.91
N ARG A 189 2.05 23.32 -11.71
CA ARG A 189 1.44 24.28 -12.65
C ARG A 189 0.53 23.52 -13.63
N ARG A 190 1.01 22.42 -14.19
CA ARG A 190 0.24 21.62 -15.18
C ARG A 190 -1.00 21.01 -14.51
N TYR A 191 -0.85 20.54 -13.27
CA TYR A 191 -2.01 20.01 -12.54
C TYR A 191 -3.08 21.09 -12.38
N LEU A 192 -2.67 22.29 -11.97
CA LEU A 192 -3.62 23.40 -11.74
C LEU A 192 -4.27 23.81 -13.05
N ASN A 193 -3.51 23.88 -14.14
CA ASN A 193 -4.10 24.23 -15.46
C ASN A 193 -5.14 23.18 -15.83
N ARG A 194 -4.83 21.89 -15.63
CA ARG A 194 -5.75 20.79 -15.98
C ARG A 194 -7.01 20.89 -15.09
N LEU A 195 -6.86 21.07 -13.78
CA LEU A 195 -8.04 21.14 -12.88
C LEU A 195 -8.94 22.33 -13.25
N GLN A 196 -8.34 23.47 -13.61
CA GLN A 196 -9.13 24.66 -14.04
C GLN A 196 -9.95 24.30 -15.28
N GLN A 197 -9.33 23.64 -16.27
CA GLN A 197 -10.00 23.24 -17.52
C GLN A 197 -11.05 22.17 -17.21
N ILE A 198 -10.77 21.23 -16.31
CA ILE A 198 -11.78 20.21 -15.90
C ILE A 198 -12.98 20.94 -15.28
N ARG A 199 -12.76 21.89 -14.37
CA ARG A 199 -13.88 22.60 -13.70
C ARG A 199 -14.74 23.29 -14.76
N ASP A 200 -14.11 23.97 -15.70
CA ASP A 200 -14.87 24.64 -16.78
C ASP A 200 -15.71 23.62 -17.55
N THR A 201 -15.15 22.46 -17.88
CA THR A 201 -15.84 21.41 -18.65
C THR A 201 -17.01 20.88 -17.82
N LEU A 202 -16.79 20.63 -16.53
CA LEU A 202 -17.87 20.08 -15.65
C LEU A 202 -19.04 21.05 -15.61
N GLU A 203 -18.75 22.35 -15.56
CA GLU A 203 -19.76 23.41 -15.34
C GLU A 203 -20.67 23.52 -16.57
N VAL A 204 -20.26 23.04 -17.74
CA VAL A 204 -21.09 23.10 -18.97
C VAL A 204 -21.58 21.71 -19.38
N SER A 205 -21.04 20.64 -18.82
CA SER A 205 -21.29 19.25 -19.27
C SER A 205 -22.79 18.91 -19.16
N GLU A 206 -23.38 18.40 -20.24
CA GLU A 206 -24.80 17.92 -20.23
C GLU A 206 -24.90 16.69 -19.34
N PHE A 207 -23.93 15.79 -19.46
CA PHE A 207 -23.85 14.58 -18.59
C PHE A 207 -23.84 15.01 -17.12
N PHE A 208 -22.96 15.94 -16.77
CA PHE A 208 -22.66 16.24 -15.35
C PHE A 208 -23.87 16.83 -14.63
N ARG A 209 -24.56 17.76 -15.28
CA ARG A 209 -25.70 18.46 -14.62
C ARG A 209 -26.83 17.45 -14.39
N ARG A 210 -26.89 16.35 -15.15
CA ARG A 210 -28.01 15.36 -15.20
C ARG A 210 -27.68 14.09 -14.42
N HIS A 211 -26.48 13.98 -13.82
CA HIS A 211 -26.07 12.74 -13.10
C HIS A 211 -25.56 13.05 -11.69
N GLU A 212 -25.91 12.18 -10.77
CA GLU A 212 -25.43 12.10 -9.37
C GLU A 212 -24.10 11.35 -9.42
N VAL A 213 -23.00 12.02 -9.09
CA VAL A 213 -21.63 11.47 -9.28
C VAL A 213 -21.04 11.11 -7.92
N ILE A 214 -21.22 9.85 -7.53
CA ILE A 214 -20.84 9.31 -6.20
C ILE A 214 -19.75 8.26 -6.40
N GLY A 215 -18.71 8.31 -5.57
CA GLY A 215 -17.63 7.31 -5.53
C GLY A 215 -16.66 7.41 -6.72
N SER A 216 -16.70 8.50 -7.48
CA SER A 216 -15.71 8.75 -8.57
C SER A 216 -14.44 9.39 -7.98
N SER A 217 -13.32 9.28 -8.70
CA SER A 217 -12.06 9.90 -8.27
C SER A 217 -11.52 10.84 -9.34
N LEU A 218 -10.66 11.76 -8.93
CA LEU A 218 -9.70 12.41 -9.85
C LEU A 218 -8.38 11.67 -9.69
N LEU A 219 -7.84 11.19 -10.80
CA LEU A 219 -6.55 10.49 -10.80
C LEU A 219 -5.48 11.45 -11.27
N PHE A 220 -4.53 11.77 -10.38
CA PHE A 220 -3.36 12.64 -10.64
C PHE A 220 -2.21 11.74 -11.03
N VAL A 221 -1.63 11.97 -12.21
CA VAL A 221 -0.46 11.16 -12.69
C VAL A 221 0.65 12.12 -13.12
N HIS A 222 1.88 11.91 -12.66
CA HIS A 222 3.03 12.75 -13.12
C HIS A 222 4.29 11.90 -13.14
N ASP A 223 5.32 12.37 -13.84
CA ASP A 223 6.61 11.65 -13.86
C ASP A 223 7.79 12.62 -13.73
N HIS A 224 9.00 12.07 -13.68
CA HIS A 224 10.27 12.81 -13.48
C HIS A 224 10.59 13.65 -14.73
N CYS A 225 9.93 13.41 -15.87
CA CYS A 225 10.04 14.24 -17.10
C CYS A 225 9.07 15.42 -17.06
N HIS A 226 8.38 15.61 -15.93
CA HIS A 226 7.45 16.73 -15.64
C HIS A 226 6.13 16.55 -16.41
N ARG A 227 5.88 15.40 -17.02
CA ARG A 227 4.55 15.07 -17.59
C ARG A 227 3.55 15.06 -16.43
N ALA A 228 2.35 15.61 -16.62
CA ALA A 228 1.33 15.69 -15.56
C ALA A 228 -0.07 15.66 -16.20
N GLY A 229 -0.90 14.77 -15.70
CA GLY A 229 -2.28 14.63 -16.21
C GLY A 229 -3.25 14.39 -15.07
N VAL A 230 -4.50 14.73 -15.30
CA VAL A 230 -5.59 14.43 -14.32
C VAL A 230 -6.78 13.94 -15.15
N TRP A 231 -7.44 12.89 -14.66
CA TRP A 231 -8.66 12.35 -15.28
C TRP A 231 -9.69 12.01 -14.20
N LEU A 232 -10.97 12.12 -14.54
CA LEU A 232 -12.07 11.54 -13.73
C LEU A 232 -12.12 10.05 -14.04
N ILE A 233 -12.22 9.21 -13.01
CA ILE A 233 -12.36 7.74 -13.19
C ILE A 233 -13.44 7.21 -12.23
N ASP A 234 -13.92 6.01 -12.54
CA ASP A 234 -14.80 5.16 -11.69
C ASP A 234 -16.22 5.72 -11.64
N PHE A 235 -17.05 5.29 -12.58
CA PHE A 235 -18.44 5.77 -12.73
C PHE A 235 -19.42 4.66 -12.32
N GLY A 236 -18.93 3.71 -11.51
CA GLY A 236 -19.73 2.57 -11.00
C GLY A 236 -20.93 2.97 -10.17
N LYS A 237 -20.94 4.17 -9.56
CA LYS A 237 -22.04 4.66 -8.69
C LYS A 237 -22.53 6.03 -9.19
N THR A 238 -22.35 6.29 -10.48
CA THR A 238 -22.87 7.52 -11.13
C THR A 238 -24.19 7.17 -11.80
N THR A 239 -25.27 7.86 -11.45
CA THR A 239 -26.63 7.50 -11.90
C THR A 239 -27.38 8.74 -12.36
N PRO A 240 -28.24 8.61 -13.40
CA PRO A 240 -29.02 9.75 -13.91
C PRO A 240 -30.16 10.17 -12.97
N LEU A 241 -30.47 11.47 -12.97
CA LEU A 241 -31.64 12.03 -12.26
C LEU A 241 -32.86 11.90 -13.16
N PRO A 242 -34.09 11.95 -12.61
CA PRO A 242 -35.31 11.99 -13.41
C PRO A 242 -35.26 13.16 -14.41
N ASP A 243 -35.81 12.95 -15.61
CA ASP A 243 -35.72 13.91 -16.75
C ASP A 243 -36.19 15.28 -16.26
N GLY A 244 -35.49 16.35 -16.68
CA GLY A 244 -35.80 17.74 -16.31
C GLY A 244 -35.19 18.14 -14.98
N GLN A 245 -34.69 17.18 -14.20
CA GLN A 245 -34.06 17.44 -12.87
C GLN A 245 -32.53 17.49 -13.06
N ILE A 246 -31.91 18.48 -12.43
CA ILE A 246 -30.43 18.70 -12.51
C ILE A 246 -29.90 18.90 -11.10
N LEU A 247 -28.60 18.73 -10.90
CA LEU A 247 -27.90 19.05 -9.63
C LEU A 247 -27.02 20.27 -9.88
N ASP A 248 -26.73 21.05 -8.84
CA ASP A 248 -25.74 22.15 -8.97
C ASP A 248 -24.37 21.65 -8.51
N HIS A 249 -24.30 20.55 -7.75
CA HIS A 249 -23.01 19.91 -7.36
C HIS A 249 -22.22 20.79 -6.38
N ARG A 250 -22.84 21.80 -5.78
CA ARG A 250 -22.18 22.64 -4.75
C ARG A 250 -23.03 22.72 -3.47
N ARG A 251 -24.35 22.75 -3.58
CA ARG A 251 -25.22 22.92 -2.39
C ARG A 251 -25.12 21.69 -1.48
N PRO A 252 -25.40 21.86 -0.16
CA PRO A 252 -25.34 20.76 0.78
C PRO A 252 -26.29 19.61 0.43
N TRP A 253 -25.86 18.39 0.70
CA TRP A 253 -26.72 17.19 0.53
C TRP A 253 -27.75 17.15 1.66
N GLU A 254 -29.00 16.91 1.27
CA GLU A 254 -30.18 16.67 2.15
C GLU A 254 -30.91 15.47 1.54
N GLU A 255 -31.08 14.39 2.31
CA GLU A 255 -31.65 13.13 1.77
C GLU A 255 -32.88 13.49 0.91
N GLY A 256 -32.85 13.04 -0.35
CA GLY A 256 -33.92 13.29 -1.34
C GLY A 256 -33.46 14.23 -2.45
N ASN A 257 -32.44 15.07 -2.20
CA ASN A 257 -32.00 16.09 -3.20
C ASN A 257 -30.85 15.52 -4.04
N ARG A 258 -30.27 14.38 -3.63
CA ARG A 258 -29.26 13.60 -4.39
C ARG A 258 -28.01 14.45 -4.69
N GLU A 259 -27.80 15.55 -3.98
CA GLU A 259 -26.63 16.45 -4.23
C GLU A 259 -25.35 15.76 -3.71
N ASP A 260 -24.26 15.87 -4.47
CA ASP A 260 -23.00 15.08 -4.22
C ASP A 260 -21.86 16.01 -3.75
N GLY A 261 -22.01 17.33 -3.83
CA GLY A 261 -20.94 18.26 -3.45
C GLY A 261 -19.68 18.12 -4.30
N TYR A 262 -19.75 17.53 -5.49
CA TYR A 262 -18.57 17.28 -6.35
C TYR A 262 -17.80 18.59 -6.59
N LEU A 263 -18.49 19.66 -6.97
CA LEU A 263 -17.79 20.91 -7.36
C LEU A 263 -17.36 21.70 -6.12
N LEU A 264 -18.02 21.53 -4.98
CA LEU A 264 -17.50 22.07 -3.71
C LEU A 264 -16.12 21.44 -3.48
N GLY A 265 -16.00 20.13 -3.71
CA GLY A 265 -14.73 19.40 -3.61
C GLY A 265 -13.69 19.95 -4.57
N LEU A 266 -14.07 20.10 -5.85
CA LEU A 266 -13.09 20.56 -6.85
C LEU A 266 -12.68 22.01 -6.58
N ASP A 267 -13.61 22.88 -6.18
CA ASP A 267 -13.29 24.27 -5.77
C ASP A 267 -12.24 24.25 -4.67
N ASN A 268 -12.46 23.44 -3.64
CA ASN A 268 -11.55 23.38 -2.47
C ASN A 268 -10.19 22.83 -2.91
N LEU A 269 -10.19 21.80 -3.72
CA LEU A 269 -8.96 21.12 -4.20
C LEU A 269 -8.11 22.08 -5.01
N ILE A 270 -8.75 22.83 -5.93
CA ILE A 270 -8.03 23.87 -6.72
C ILE A 270 -7.42 24.89 -5.76
N GLY A 271 -8.19 25.32 -4.74
CA GLY A 271 -7.76 26.36 -3.78
C GLY A 271 -6.54 25.91 -3.00
N ILE A 272 -6.51 24.63 -2.61
CA ILE A 272 -5.40 24.05 -1.83
C ILE A 272 -4.16 23.95 -2.71
N LEU A 273 -4.28 23.42 -3.93
CA LEU A 273 -3.12 23.32 -4.85
C LEU A 273 -2.63 24.73 -5.22
N ALA A 274 -3.53 25.71 -5.38
CA ALA A 274 -3.14 27.11 -5.67
C ALA A 274 -2.36 27.69 -4.48
N SER A 275 -2.76 27.34 -3.25
CA SER A 275 -2.04 27.75 -2.02
C SER A 275 -0.63 27.14 -2.04
N LEU A 276 -0.55 25.85 -2.37
CA LEU A 276 0.73 25.10 -2.41
C LEU A 276 1.68 25.77 -3.41
N ALA A 277 1.13 26.26 -4.54
CA ALA A 277 1.92 26.86 -5.64
C ALA A 277 2.50 28.21 -5.20
N GLU A 278 1.86 28.92 -4.26
CA GLU A 278 2.32 30.22 -3.72
C GLU A 278 3.38 30.03 -2.62
N ARG A 279 3.56 28.80 -2.11
CA ARG A 279 4.51 28.50 -1.01
C ARG A 279 5.94 28.66 -1.56
N GLY B 14 -1.65 -15.51 -5.47
CA GLY B 14 -0.36 -14.84 -5.13
C GLY B 14 0.64 -15.80 -4.50
N SER B 15 1.36 -15.33 -3.47
CA SER B 15 2.35 -16.13 -2.70
C SER B 15 1.63 -17.07 -1.72
N PHE B 16 0.53 -16.61 -1.14
CA PHE B 16 -0.23 -17.28 -0.04
C PHE B 16 -1.61 -17.72 -0.55
N LYS B 17 -2.05 -18.91 -0.12
CA LYS B 17 -3.41 -19.46 -0.38
C LYS B 17 -4.09 -19.77 0.95
N ALA B 18 -5.41 -19.60 1.01
CA ALA B 18 -6.26 -19.95 2.17
C ALA B 18 -6.18 -21.46 2.42
N ALA B 19 -6.09 -21.87 3.69
CA ALA B 19 -6.02 -23.28 4.13
C ALA B 19 -7.41 -23.76 4.57
N GLY B 20 -7.64 -25.06 4.55
CA GLY B 20 -8.91 -25.68 4.99
C GLY B 20 -9.13 -25.51 6.47
N THR B 21 -8.09 -25.78 7.26
CA THR B 21 -8.08 -25.74 8.74
C THR B 21 -7.95 -24.29 9.22
N SER B 22 -8.76 -23.89 10.21
CA SER B 22 -8.72 -22.55 10.86
C SER B 22 -7.40 -22.38 11.61
N GLY B 23 -6.85 -21.15 11.57
CA GLY B 23 -5.58 -20.78 12.20
C GLY B 23 -4.37 -21.17 11.37
N LEU B 24 -4.58 -21.78 10.20
CA LEU B 24 -3.48 -22.18 9.28
C LEU B 24 -3.56 -21.34 8.00
N ILE B 25 -2.46 -21.34 7.24
CA ILE B 25 -2.35 -20.61 5.95
C ILE B 25 -1.38 -21.42 5.08
N LEU B 26 -1.56 -21.35 3.75
CA LEU B 26 -0.69 -22.09 2.80
C LEU B 26 0.23 -21.08 2.11
N LYS B 27 1.52 -21.43 2.01
CA LYS B 27 2.54 -20.65 1.28
C LYS B 27 3.17 -21.55 0.23
N ARG B 28 3.32 -21.01 -0.99
CA ARG B 28 3.94 -21.71 -2.13
C ARG B 28 5.28 -22.29 -1.66
N CYS B 29 5.43 -23.61 -1.76
CA CYS B 29 6.61 -24.39 -1.31
C CYS B 29 7.82 -24.05 -2.19
N SER B 30 8.89 -23.51 -1.59
CA SER B 30 10.26 -23.42 -2.16
C SER B 30 11.16 -24.32 -1.32
N GLU B 31 12.11 -25.02 -1.95
CA GLU B 31 12.89 -26.09 -1.29
C GLU B 31 13.80 -25.52 -0.20
N PRO B 32 14.45 -24.35 -0.40
CA PRO B 32 15.22 -23.72 0.68
C PRO B 32 14.33 -23.50 1.93
N GLU B 33 13.18 -22.85 1.74
CA GLU B 33 12.27 -22.47 2.85
C GLU B 33 11.76 -23.73 3.56
N ARG B 34 11.41 -24.78 2.81
CA ARG B 34 10.92 -26.06 3.39
C ARG B 34 12.02 -26.67 4.26
N TYR B 35 13.24 -26.74 3.74
CA TYR B 35 14.44 -27.28 4.43
C TYR B 35 14.63 -26.52 5.76
N CYS B 36 14.56 -25.19 5.70
CA CYS B 36 14.78 -24.29 6.88
C CYS B 36 13.68 -24.55 7.93
N LEU B 37 12.41 -24.48 7.54
CA LEU B 37 11.27 -24.60 8.48
C LEU B 37 11.29 -25.98 9.14
N ALA B 38 11.67 -27.03 8.39
CA ALA B 38 11.82 -28.40 8.92
C ALA B 38 12.86 -28.42 10.02
N ARG B 39 14.02 -27.81 9.76
CA ARG B 39 15.13 -27.68 10.74
C ARG B 39 14.66 -26.86 11.94
N LEU B 40 13.97 -25.74 11.68
CA LEU B 40 13.62 -24.76 12.74
C LEU B 40 12.64 -25.38 13.75
N MET B 41 11.82 -26.34 13.35
CA MET B 41 10.86 -27.00 14.27
C MET B 41 11.61 -27.83 15.33
N ALA B 42 12.85 -28.22 15.05
CA ALA B 42 13.69 -29.02 15.99
C ALA B 42 14.81 -28.17 16.57
N ASP B 43 14.71 -26.84 16.48
CA ASP B 43 15.80 -25.91 16.90
C ASP B 43 15.34 -25.09 18.12
N ALA B 44 16.27 -24.41 18.79
CA ALA B 44 15.96 -23.41 19.84
C ALA B 44 14.94 -22.39 19.30
N LEU B 45 15.00 -22.06 18.00
CA LEU B 45 14.13 -21.03 17.39
C LEU B 45 12.70 -21.51 17.12
N ARG B 46 12.35 -22.74 17.50
CA ARG B 46 11.00 -23.31 17.21
C ARG B 46 9.88 -22.30 17.54
N GLY B 47 9.90 -21.65 18.72
CA GLY B 47 8.84 -20.75 19.20
C GLY B 47 8.89 -19.39 18.52
N CYS B 48 9.96 -19.10 17.81
CA CYS B 48 10.23 -17.75 17.25
C CYS B 48 9.83 -17.70 15.77
N VAL B 49 9.33 -18.81 15.22
CA VAL B 49 8.95 -18.89 13.78
C VAL B 49 7.54 -19.47 13.71
N PRO B 50 6.79 -19.25 12.60
CA PRO B 50 5.47 -19.85 12.48
C PRO B 50 5.59 -21.38 12.50
N ALA B 51 4.66 -22.06 13.18
CA ALA B 51 4.57 -23.53 13.17
C ALA B 51 4.51 -24.00 11.70
N PHE B 52 5.33 -25.00 11.38
CA PHE B 52 5.36 -25.68 10.07
C PHE B 52 4.84 -27.12 10.26
N HIS B 53 3.81 -27.49 9.50
CA HIS B 53 3.02 -28.73 9.69
C HIS B 53 3.31 -29.76 8.59
N GLY B 54 4.13 -29.39 7.60
CA GLY B 54 4.47 -30.24 6.44
C GLY B 54 3.99 -29.62 5.15
N VAL B 55 4.17 -30.35 4.04
CA VAL B 55 3.78 -29.91 2.67
C VAL B 55 2.44 -30.56 2.30
N VAL B 56 1.53 -29.80 1.68
CA VAL B 56 0.25 -30.32 1.11
C VAL B 56 0.21 -29.95 -0.38
N GLU B 57 -0.57 -30.70 -1.16
CA GLU B 57 -0.81 -30.42 -2.61
C GLU B 57 -2.19 -29.77 -2.76
N ARG B 58 -2.24 -28.65 -3.49
CA ARG B 58 -3.49 -27.95 -3.90
C ARG B 58 -3.38 -27.62 -5.39
N ASP B 59 -4.20 -28.28 -6.23
CA ASP B 59 -4.21 -28.09 -7.71
C ASP B 59 -2.83 -28.45 -8.28
N GLY B 60 -2.31 -29.63 -7.91
CA GLY B 60 -1.02 -30.19 -8.38
C GLY B 60 0.18 -29.32 -8.04
N GLU B 61 0.03 -28.41 -7.05
CA GLU B 61 1.09 -27.46 -6.62
C GLU B 61 1.33 -27.63 -5.10
N SER B 62 2.60 -27.76 -4.71
CA SER B 62 3.04 -27.95 -3.30
C SER B 62 2.87 -26.64 -2.52
N TYR B 63 2.33 -26.74 -1.31
CA TYR B 63 2.16 -25.62 -0.36
C TYR B 63 2.73 -26.05 1.00
N LEU B 64 3.48 -25.14 1.64
CA LEU B 64 3.86 -25.26 3.06
C LEU B 64 2.60 -25.01 3.89
N GLN B 65 2.27 -25.90 4.82
CA GLN B 65 1.15 -25.71 5.77
C GLN B 65 1.69 -24.98 7.01
N LEU B 66 1.33 -23.70 7.18
CA LEU B 66 1.95 -22.79 8.18
C LEU B 66 0.89 -22.32 9.17
N GLN B 67 1.31 -22.05 10.41
CA GLN B 67 0.55 -21.21 11.36
C GLN B 67 0.25 -19.86 10.71
N ASP B 68 -1.00 -19.42 10.76
CA ASP B 68 -1.37 -18.03 10.43
C ASP B 68 -1.10 -17.18 11.67
N LEU B 69 -0.02 -16.43 11.64
CA LEU B 69 0.42 -15.59 12.80
C LEU B 69 -0.64 -14.54 13.16
N LEU B 70 -1.57 -14.19 12.26
CA LEU B 70 -2.59 -13.15 12.54
C LEU B 70 -3.78 -13.72 13.31
N ASP B 71 -3.91 -15.05 13.38
CA ASP B 71 -5.13 -15.75 13.86
C ASP B 71 -5.49 -15.31 15.28
N GLY B 72 -4.52 -15.16 16.17
CA GLY B 72 -4.76 -14.82 17.59
C GLY B 72 -5.15 -13.36 17.79
N PHE B 73 -5.03 -12.50 16.77
CA PHE B 73 -5.20 -11.03 16.95
C PHE B 73 -6.60 -10.59 16.52
N ASP B 74 -7.06 -9.46 17.06
CA ASP B 74 -8.38 -8.86 16.75
C ASP B 74 -8.11 -7.52 16.05
N GLY B 75 -8.12 -7.51 14.72
CA GLY B 75 -7.79 -6.30 13.93
C GLY B 75 -6.29 -6.01 14.03
N PRO B 76 -5.43 -6.94 13.57
CA PRO B 76 -3.98 -6.81 13.77
C PRO B 76 -3.35 -5.68 12.95
N CYS B 77 -2.45 -4.93 13.56
CA CYS B 77 -1.49 -3.99 12.91
C CYS B 77 -0.22 -4.79 12.65
N VAL B 78 0.36 -4.68 11.46
CA VAL B 78 1.49 -5.57 11.05
C VAL B 78 2.64 -4.70 10.50
N LEU B 79 3.84 -4.89 11.03
CA LEU B 79 5.04 -4.22 10.48
C LEU B 79 6.03 -5.30 10.07
N ASP B 80 6.54 -5.21 8.83
CA ASP B 80 7.47 -6.18 8.22
C ASP B 80 8.85 -5.50 8.19
N CYS B 81 9.82 -6.12 8.86
N CYS B 81 9.82 -6.12 8.86
CA CYS B 81 11.18 -5.57 9.03
CA CYS B 81 11.18 -5.57 9.04
C CYS B 81 12.19 -6.51 8.39
C CYS B 81 12.20 -6.52 8.40
N LYS B 82 12.80 -6.14 7.26
CA LYS B 82 13.76 -7.02 6.54
C LYS B 82 15.11 -6.97 7.26
N MET B 83 15.66 -8.13 7.65
CA MET B 83 16.84 -8.19 8.54
C MET B 83 18.10 -8.46 7.72
N GLY B 84 19.15 -7.70 8.04
CA GLY B 84 20.49 -7.94 7.49
C GLY B 84 21.07 -6.69 6.86
N VAL B 85 22.39 -6.65 6.80
CA VAL B 85 23.12 -5.53 6.12
C VAL B 85 23.09 -5.80 4.62
N ARG B 86 22.89 -7.07 4.23
CA ARG B 86 22.89 -7.55 2.82
C ARG B 86 21.59 -8.30 2.54
N THR B 87 21.01 -8.09 1.35
CA THR B 87 19.65 -8.54 0.98
C THR B 87 19.66 -9.45 -0.25
N TYR B 88 20.84 -9.84 -0.72
CA TYR B 88 21.04 -10.73 -1.90
C TYR B 88 22.14 -11.73 -1.54
N LEU B 89 22.14 -12.89 -2.20
CA LEU B 89 23.16 -13.94 -2.04
C LEU B 89 24.42 -13.55 -2.81
N GLU B 90 25.57 -14.00 -2.33
CA GLU B 90 26.90 -13.70 -2.93
C GLU B 90 26.93 -14.19 -4.39
N GLU B 91 26.23 -15.30 -4.70
CA GLU B 91 26.17 -15.88 -6.07
C GLU B 91 25.62 -14.86 -7.07
N GLU B 92 24.82 -13.88 -6.64
CA GLU B 92 24.28 -12.79 -7.51
C GLU B 92 25.43 -11.88 -8.00
N LEU B 93 26.49 -11.73 -7.20
CA LEU B 93 27.73 -11.01 -7.61
C LEU B 93 28.47 -11.89 -8.62
N THR B 94 28.73 -13.14 -8.23
CA THR B 94 29.35 -14.21 -9.07
C THR B 94 28.62 -14.29 -10.41
N LYS B 95 27.28 -14.27 -10.37
CA LYS B 95 26.39 -14.27 -11.57
C LYS B 95 26.81 -13.11 -12.48
N ALA B 96 26.93 -11.90 -11.91
CA ALA B 96 27.37 -10.66 -12.62
C ALA B 96 28.88 -10.48 -12.45
N PRO B 100 27.05 -10.73 -17.05
CA PRO B 100 26.39 -9.58 -16.45
C PRO B 100 24.85 -9.66 -16.45
N LYS B 101 24.24 -9.75 -17.63
CA LYS B 101 22.76 -9.84 -17.83
C LYS B 101 22.06 -8.77 -16.98
N LEU B 102 22.38 -7.50 -17.23
CA LEU B 102 21.78 -6.31 -16.55
C LEU B 102 20.28 -6.25 -16.86
N ARG B 103 19.48 -5.73 -15.92
CA ARG B 103 18.00 -5.68 -16.02
C ARG B 103 17.54 -4.22 -16.19
N LYS B 104 16.67 -3.99 -17.18
CA LYS B 104 16.01 -2.68 -17.44
C LYS B 104 14.89 -2.50 -16.41
N ASP B 105 14.15 -3.59 -16.16
CA ASP B 105 13.05 -3.69 -15.16
C ASP B 105 13.52 -3.11 -13.82
N MET B 106 14.75 -3.44 -13.40
CA MET B 106 15.34 -3.01 -12.10
C MET B 106 15.86 -1.57 -12.20
N TYR B 107 16.26 -1.15 -13.41
CA TYR B 107 16.75 0.22 -13.71
C TYR B 107 15.59 1.22 -13.59
N LYS B 108 14.35 0.78 -13.82
CA LYS B 108 13.15 1.64 -13.83
C LYS B 108 13.03 2.37 -12.48
N LYS B 109 13.05 1.61 -11.37
CA LYS B 109 12.92 2.17 -9.99
C LYS B 109 14.13 3.05 -9.68
N MET B 110 15.33 2.59 -10.04
CA MET B 110 16.60 3.34 -9.86
C MET B 110 16.48 4.71 -10.54
N LEU B 111 16.21 4.72 -11.86
CA LEU B 111 15.94 5.94 -12.67
C LEU B 111 14.96 6.84 -11.90
N ALA B 112 13.83 6.25 -11.48
CA ALA B 112 12.70 6.94 -10.79
C ALA B 112 13.23 7.99 -9.81
N VAL B 113 14.02 7.56 -8.84
CA VAL B 113 14.49 8.41 -7.69
C VAL B 113 15.98 8.69 -7.88
N ASP B 114 16.50 9.71 -7.18
CA ASP B 114 17.91 10.19 -7.27
C ASP B 114 18.44 9.91 -8.67
N PRO B 115 18.11 10.77 -9.67
CA PRO B 115 18.67 10.62 -11.02
C PRO B 115 20.21 10.73 -11.08
N GLU B 116 20.84 11.35 -10.08
CA GLU B 116 22.32 11.54 -10.00
C GLU B 116 23.01 10.26 -9.51
N ALA B 117 22.27 9.38 -8.82
CA ALA B 117 22.79 8.13 -8.21
C ALA B 117 23.27 7.15 -9.29
N PRO B 118 22.47 6.86 -10.35
CA PRO B 118 22.93 5.99 -11.44
C PRO B 118 24.23 6.49 -12.10
N THR B 119 25.04 5.57 -12.62
CA THR B 119 26.34 5.84 -13.30
C THR B 119 26.07 6.20 -14.76
N GLU B 120 27.00 6.92 -15.40
CA GLU B 120 26.91 7.40 -16.81
C GLU B 120 26.66 6.22 -17.76
N GLU B 121 27.33 5.07 -17.52
CA GLU B 121 27.17 3.82 -18.32
C GLU B 121 25.74 3.32 -18.22
N GLU B 122 25.23 3.14 -16.99
CA GLU B 122 23.86 2.64 -16.68
C GLU B 122 22.81 3.62 -17.21
N HIS B 123 23.07 4.92 -17.07
CA HIS B 123 22.21 6.03 -17.56
C HIS B 123 21.80 5.77 -19.00
N ALA B 124 22.77 5.40 -19.85
CA ALA B 124 22.59 5.14 -21.30
C ALA B 124 22.01 3.72 -21.52
N GLN B 125 22.54 2.73 -20.80
CA GLN B 125 22.34 1.27 -21.05
C GLN B 125 20.89 0.85 -20.79
N ARG B 126 20.12 1.67 -20.07
CA ARG B 126 18.68 1.44 -19.75
C ARG B 126 18.53 0.34 -18.69
N ALA B 127 19.64 -0.21 -18.18
CA ALA B 127 19.66 -1.39 -17.29
C ALA B 127 20.78 -1.26 -16.24
N VAL B 128 20.63 -1.96 -15.12
CA VAL B 128 21.64 -2.08 -14.01
C VAL B 128 21.72 -3.55 -13.60
N THR B 129 22.77 -3.91 -12.86
CA THR B 129 22.93 -5.25 -12.24
C THR B 129 22.01 -5.33 -11.02
N LYS B 130 21.46 -6.51 -10.72
CA LYS B 130 20.60 -6.74 -9.51
C LYS B 130 21.37 -6.32 -8.26
N PRO B 131 22.60 -6.84 -8.02
CA PRO B 131 23.36 -6.48 -6.81
C PRO B 131 23.59 -4.97 -6.66
N ARG B 132 23.84 -4.28 -7.78
CA ARG B 132 24.01 -2.80 -7.79
C ARG B 132 22.71 -2.15 -7.34
N TYR B 133 21.56 -2.63 -7.83
CA TYR B 133 20.22 -2.13 -7.45
C TYR B 133 19.94 -2.43 -5.96
N MET B 134 20.21 -3.68 -5.54
N MET B 134 20.19 -3.68 -5.54
CA MET B 134 19.97 -4.15 -4.16
CA MET B 134 19.97 -4.14 -4.15
C MET B 134 20.90 -3.39 -3.20
C MET B 134 20.91 -3.37 -3.20
N GLN B 135 22.17 -3.18 -3.59
CA GLN B 135 23.16 -2.39 -2.80
C GLN B 135 22.72 -0.94 -2.70
N TRP B 136 22.19 -0.36 -3.77
CA TRP B 136 21.67 1.03 -3.76
C TRP B 136 20.48 1.11 -2.79
N ARG B 137 19.54 0.17 -2.89
CA ARG B 137 18.35 0.07 -1.98
C ARG B 137 18.82 -0.05 -0.52
N GLU B 138 19.89 -0.81 -0.27
CA GLU B 138 20.44 -1.00 1.10
C GLU B 138 20.96 0.33 1.65
N GLY B 139 21.54 1.18 0.79
CA GLY B 139 22.23 2.41 1.22
C GLY B 139 21.30 3.59 1.41
N ILE B 140 20.18 3.65 0.69
CA ILE B 140 19.18 4.76 0.81
C ILE B 140 18.22 4.44 1.96
N SER B 141 18.08 3.16 2.31
CA SER B 141 17.35 2.70 3.53
C SER B 141 18.35 2.54 4.67
N SER B 142 17.90 2.00 5.80
CA SER B 142 18.74 1.76 7.00
C SER B 142 19.53 0.45 6.90
N SER B 143 19.36 -0.36 5.85
CA SER B 143 19.96 -1.72 5.78
C SER B 143 21.48 -1.62 6.00
N THR B 144 22.18 -0.84 5.18
CA THR B 144 23.67 -0.84 5.19
C THR B 144 24.19 -0.47 6.58
N THR B 145 23.64 0.58 7.19
CA THR B 145 24.18 1.22 8.41
C THR B 145 23.60 0.59 9.67
N LEU B 146 22.33 0.15 9.66
CA LEU B 146 21.70 -0.39 10.89
C LEU B 146 21.49 -1.89 10.83
N GLY B 147 21.52 -2.53 9.64
CA GLY B 147 21.38 -3.99 9.54
C GLY B 147 19.92 -4.45 9.54
N PHE B 148 18.98 -3.52 9.29
CA PHE B 148 17.57 -3.84 9.01
C PHE B 148 16.91 -2.69 8.27
N ARG B 149 15.74 -2.97 7.70
CA ARG B 149 14.90 -1.87 7.17
C ARG B 149 13.43 -2.25 7.28
N ILE B 150 12.61 -1.26 7.62
CA ILE B 150 11.12 -1.35 7.58
C ILE B 150 10.69 -1.47 6.12
N GLU B 151 9.94 -2.51 5.78
CA GLU B 151 9.48 -2.76 4.39
C GLU B 151 8.04 -2.29 4.23
N GLY B 152 7.18 -2.52 5.22
CA GLY B 152 5.77 -2.11 5.09
C GLY B 152 5.00 -2.19 6.38
N ILE B 153 3.84 -1.53 6.41
CA ILE B 153 2.89 -1.58 7.56
C ILE B 153 1.50 -1.84 7.00
N LYS B 154 0.77 -2.74 7.66
CA LYS B 154 -0.70 -2.84 7.53
C LYS B 154 -1.33 -2.40 8.84
N LYS B 155 -2.22 -1.39 8.80
CA LYS B 155 -2.87 -0.79 10.00
C LYS B 155 -4.21 -1.48 10.25
N ALA B 156 -4.69 -1.41 11.49
CA ALA B 156 -6.01 -1.93 11.92
C ALA B 156 -7.13 -1.24 11.13
N ASP B 157 -6.90 0.01 10.67
CA ASP B 157 -7.91 0.80 9.91
C ASP B 157 -7.96 0.35 8.44
N GLY B 158 -7.20 -0.70 8.08
CA GLY B 158 -7.21 -1.28 6.73
C GLY B 158 -6.15 -0.64 5.81
N SER B 159 -5.58 0.49 6.23
CA SER B 159 -4.49 1.21 5.51
C SER B 159 -3.28 0.27 5.36
N CYS B 160 -2.57 0.41 4.24
CA CYS B 160 -1.34 -0.35 3.88
C CYS B 160 -0.31 0.69 3.42
N SER B 161 0.97 0.56 3.78
CA SER B 161 2.03 1.47 3.28
C SER B 161 3.33 0.72 3.09
N THR B 162 3.95 0.89 1.91
CA THR B 162 5.32 0.41 1.61
C THR B 162 6.24 1.61 1.37
N ASP B 163 5.86 2.80 1.81
CA ASP B 163 6.56 4.09 1.49
C ASP B 163 7.69 4.34 2.51
N PHE B 164 8.72 3.49 2.49
CA PHE B 164 9.83 3.48 3.48
C PHE B 164 11.20 3.32 2.79
N LYS B 165 11.30 3.55 1.48
CA LYS B 165 12.54 3.23 0.71
C LYS B 165 13.68 4.17 1.17
N THR B 166 13.39 5.33 1.74
CA THR B 166 14.42 6.33 2.18
C THR B 166 14.36 6.53 3.69
N THR B 167 13.78 5.57 4.42
CA THR B 167 13.79 5.56 5.90
C THR B 167 15.14 5.01 6.35
N ARG B 168 16.04 5.86 6.84
CA ARG B 168 17.48 5.50 6.99
C ARG B 168 18.06 5.83 8.37
N SER B 169 17.86 7.03 8.90
CA SER B 169 18.48 7.45 10.17
C SER B 169 17.79 6.72 11.32
N ARG B 170 18.49 6.60 12.46
N ARG B 170 18.49 6.60 12.46
CA ARG B 170 17.95 5.99 13.69
CA ARG B 170 17.96 5.98 13.70
C ARG B 170 16.66 6.73 14.09
C ARG B 170 16.68 6.73 14.11
N GLU B 171 16.69 8.07 14.03
CA GLU B 171 15.51 8.89 14.42
C GLU B 171 14.35 8.64 13.43
N GLN B 172 14.63 8.47 12.14
CA GLN B 172 13.59 8.20 11.11
C GLN B 172 12.89 6.87 11.42
N VAL B 173 13.69 5.85 11.75
CA VAL B 173 13.13 4.50 12.05
C VAL B 173 12.31 4.60 13.34
N LEU B 174 12.84 5.25 14.36
CA LEU B 174 12.16 5.46 15.66
C LEU B 174 10.79 6.08 15.39
N ARG B 175 10.74 7.11 14.52
CA ARG B 175 9.46 7.81 14.24
C ARG B 175 8.44 6.85 13.60
N VAL B 176 8.87 5.93 12.73
CA VAL B 176 7.93 4.96 12.08
C VAL B 176 7.37 4.05 13.18
N PHE B 177 8.23 3.52 14.05
CA PHE B 177 7.75 2.63 15.14
C PHE B 177 6.83 3.40 16.10
N GLU B 178 7.15 4.66 16.38
CA GLU B 178 6.34 5.54 17.26
C GLU B 178 4.91 5.62 16.70
N GLU B 179 4.79 5.83 15.39
CA GLU B 179 3.47 5.93 14.70
C GLU B 179 2.80 4.55 14.75
N PHE B 180 3.56 3.48 14.48
CA PHE B 180 3.03 2.11 14.42
C PHE B 180 2.38 1.73 15.75
N VAL B 181 3.01 2.01 16.89
CA VAL B 181 2.48 1.54 18.21
C VAL B 181 1.47 2.55 18.79
N GLN B 182 1.43 3.79 18.29
CA GLN B 182 0.33 4.75 18.63
C GLN B 182 0.23 4.95 20.14
N GLY B 183 1.35 5.07 20.83
CA GLY B 183 1.43 5.39 22.27
C GLY B 183 0.97 4.24 23.16
N ASP B 184 0.84 3.01 22.63
CA ASP B 184 0.47 1.82 23.43
C ASP B 184 1.72 1.32 24.17
N GLU B 185 1.87 1.73 25.42
CA GLU B 185 3.03 1.40 26.29
C GLU B 185 3.11 -0.12 26.51
N GLU B 186 1.97 -0.79 26.68
CA GLU B 186 1.94 -2.27 26.93
C GLU B 186 2.43 -2.99 25.66
N VAL B 187 1.92 -2.61 24.49
CA VAL B 187 2.40 -3.20 23.21
C VAL B 187 3.91 -3.02 23.12
N LEU B 188 4.42 -1.82 23.30
CA LEU B 188 5.88 -1.57 23.13
C LEU B 188 6.67 -2.44 24.12
N ARG B 189 6.24 -2.51 25.38
CA ARG B 189 6.90 -3.33 26.44
C ARG B 189 6.95 -4.79 25.97
N ARG B 190 5.84 -5.31 25.48
CA ARG B 190 5.73 -6.71 25.02
C ARG B 190 6.61 -6.94 23.79
N TYR B 191 6.64 -5.99 22.84
CA TYR B 191 7.56 -6.13 21.70
C TYR B 191 9.01 -6.21 22.19
N LEU B 192 9.40 -5.33 23.11
CA LEU B 192 10.80 -5.29 23.60
C LEU B 192 11.12 -6.60 24.32
N ASN B 193 10.22 -7.08 25.16
CA ASN B 193 10.45 -8.34 25.90
C ASN B 193 10.62 -9.47 24.87
N ARG B 194 9.80 -9.48 23.83
CA ARG B 194 9.91 -10.56 22.82
C ARG B 194 11.23 -10.42 22.06
N LEU B 195 11.64 -9.22 21.65
CA LEU B 195 12.91 -9.09 20.89
C LEU B 195 14.09 -9.55 21.75
N GLN B 196 14.07 -9.25 23.05
CA GLN B 196 15.20 -9.64 23.95
C GLN B 196 15.27 -11.17 23.96
N GLN B 197 14.12 -11.81 24.10
CA GLN B 197 14.01 -13.29 24.17
C GLN B 197 14.42 -13.89 22.83
N ILE B 198 14.02 -13.28 21.71
CA ILE B 198 14.48 -13.74 20.36
C ILE B 198 16.01 -13.65 20.26
N ARG B 199 16.61 -12.53 20.67
CA ARG B 199 18.08 -12.34 20.58
C ARG B 199 18.77 -13.46 21.37
N ASP B 200 18.32 -13.73 22.58
CA ASP B 200 18.92 -14.78 23.44
C ASP B 200 18.82 -16.12 22.71
N THR B 201 17.70 -16.38 22.06
CA THR B 201 17.45 -17.66 21.36
C THR B 201 18.40 -17.73 20.15
N LEU B 202 18.47 -16.66 19.35
CA LEU B 202 19.39 -16.66 18.18
C LEU B 202 20.83 -16.92 18.63
N GLU B 203 21.24 -16.34 19.75
CA GLU B 203 22.65 -16.43 20.21
C GLU B 203 23.01 -17.88 20.57
N VAL B 204 22.03 -18.74 20.86
CA VAL B 204 22.34 -20.16 21.23
C VAL B 204 21.94 -21.12 20.11
N SER B 205 21.09 -20.69 19.18
CA SER B 205 20.51 -21.54 18.12
C SER B 205 21.60 -22.28 17.32
N GLU B 206 21.51 -23.60 17.25
CA GLU B 206 22.39 -24.42 16.37
C GLU B 206 22.13 -24.08 14.90
N PHE B 207 20.87 -23.90 14.51
CA PHE B 207 20.49 -23.52 13.12
C PHE B 207 21.16 -22.19 12.78
N PHE B 208 20.99 -21.19 13.64
CA PHE B 208 21.38 -19.80 13.32
C PHE B 208 22.89 -19.73 13.07
N ARG B 209 23.72 -20.33 13.93
CA ARG B 209 25.19 -20.17 13.82
C ARG B 209 25.69 -20.81 12.52
N ARG B 210 24.93 -21.74 11.94
CA ARG B 210 25.36 -22.57 10.77
C ARG B 210 24.69 -22.11 9.46
N HIS B 211 23.89 -21.05 9.47
CA HIS B 211 23.14 -20.62 8.26
C HIS B 211 23.36 -19.14 7.99
N GLU B 212 23.44 -18.79 6.71
CA GLU B 212 23.45 -17.41 6.17
C GLU B 212 21.99 -17.02 6.01
N VAL B 213 21.53 -16.02 6.75
CA VAL B 213 20.10 -15.67 6.84
C VAL B 213 19.88 -14.37 6.05
N ILE B 214 19.53 -14.52 4.78
CA ILE B 214 19.35 -13.37 3.85
C ILE B 214 17.88 -13.27 3.43
N GLY B 215 17.36 -12.05 3.37
CA GLY B 215 16.01 -11.76 2.86
C GLY B 215 14.91 -12.18 3.82
N SER B 216 15.23 -12.50 5.07
CA SER B 216 14.23 -12.85 6.11
C SER B 216 13.71 -11.59 6.78
N SER B 217 12.54 -11.66 7.40
CA SER B 217 11.96 -10.52 8.13
C SER B 217 11.66 -10.91 9.58
N LEU B 218 11.59 -9.89 10.42
CA LEU B 218 10.83 -9.93 11.68
C LEU B 218 9.46 -9.32 11.42
N LEU B 219 8.44 -10.08 11.74
CA LEU B 219 7.03 -9.65 11.60
C LEU B 219 6.51 -9.24 12.97
N PHE B 220 6.22 -7.96 13.14
CA PHE B 220 5.65 -7.36 14.37
C PHE B 220 4.13 -7.33 14.21
N VAL B 221 3.41 -7.93 15.16
CA VAL B 221 1.92 -7.92 15.10
C VAL B 221 1.38 -7.46 16.45
N HIS B 222 0.42 -6.52 16.44
CA HIS B 222 -0.27 -6.13 17.69
C HIS B 222 -1.72 -5.75 17.40
N ASP B 223 -2.50 -5.60 18.46
CA ASP B 223 -3.93 -5.22 18.33
C ASP B 223 -4.35 -4.26 19.45
N HIS B 224 -5.59 -3.75 19.35
CA HIS B 224 -6.17 -2.75 20.27
C HIS B 224 -6.40 -3.37 21.65
N CYS B 225 -6.38 -4.70 21.76
CA CYS B 225 -6.45 -5.42 23.05
C CYS B 225 -5.05 -5.57 23.65
N HIS B 226 -4.03 -4.94 23.04
CA HIS B 226 -2.64 -4.86 23.56
C HIS B 226 -1.91 -6.19 23.35
N ARG B 227 -2.44 -7.12 22.58
CA ARG B 227 -1.70 -8.35 22.22
C ARG B 227 -0.54 -7.91 21.32
N ALA B 228 0.62 -8.55 21.43
CA ALA B 228 1.80 -8.14 20.66
C ALA B 228 2.72 -9.35 20.52
N GLY B 229 3.08 -9.68 19.28
CA GLY B 229 3.99 -10.80 18.97
C GLY B 229 5.02 -10.40 17.96
N VAL B 230 6.12 -11.14 17.91
CA VAL B 230 7.16 -10.97 16.86
C VAL B 230 7.63 -12.35 16.47
N TRP B 231 7.74 -12.60 15.17
CA TRP B 231 8.25 -13.87 14.60
C TRP B 231 9.24 -13.60 13.47
N LEU B 232 10.18 -14.51 13.30
CA LEU B 232 11.03 -14.56 12.09
C LEU B 232 10.22 -15.27 10.99
N ILE B 233 10.23 -14.69 9.78
CA ILE B 233 9.56 -15.30 8.60
C ILE B 233 10.48 -15.19 7.37
N ASP B 234 10.16 -15.98 6.35
CA ASP B 234 10.71 -15.93 4.96
C ASP B 234 12.16 -16.43 4.95
N PHE B 235 12.31 -17.75 4.81
CA PHE B 235 13.59 -18.51 4.83
C PHE B 235 13.96 -18.95 3.41
N GLY B 236 13.38 -18.30 2.40
CA GLY B 236 13.58 -18.62 0.97
C GLY B 236 15.00 -18.36 0.49
N LYS B 237 15.78 -17.50 1.17
CA LYS B 237 17.20 -17.23 0.80
C LYS B 237 18.11 -17.49 2.00
N THR B 238 17.71 -18.39 2.90
CA THR B 238 18.54 -18.86 4.03
C THR B 238 19.19 -20.20 3.64
N THR B 239 20.52 -20.28 3.68
CA THR B 239 21.27 -21.47 3.19
C THR B 239 22.35 -21.88 4.18
N PRO B 240 22.66 -23.19 4.28
CA PRO B 240 23.65 -23.69 5.23
C PRO B 240 25.06 -23.34 4.78
N LEU B 241 25.95 -23.18 5.76
CA LEU B 241 27.40 -22.98 5.51
C LEU B 241 28.01 -24.36 5.29
N PRO B 242 29.21 -24.43 4.66
CA PRO B 242 29.97 -25.67 4.57
C PRO B 242 30.16 -26.29 5.96
N ASP B 243 30.22 -27.62 6.04
CA ASP B 243 30.26 -28.38 7.32
C ASP B 243 31.29 -27.75 8.25
N GLY B 244 30.93 -27.54 9.51
CA GLY B 244 31.83 -27.07 10.57
C GLY B 244 32.04 -25.56 10.56
N GLN B 245 31.56 -24.83 9.54
CA GLN B 245 31.76 -23.36 9.43
C GLN B 245 30.57 -22.63 10.06
N ILE B 246 30.83 -21.53 10.77
CA ILE B 246 29.78 -20.72 11.44
C ILE B 246 29.91 -19.25 11.03
N LEU B 247 28.86 -18.47 11.30
CA LEU B 247 28.85 -16.99 11.22
C LEU B 247 28.66 -16.42 12.63
N ASP B 248 29.13 -15.20 12.87
CA ASP B 248 28.88 -14.52 14.17
C ASP B 248 27.68 -13.58 14.00
N HIS B 249 27.31 -13.24 12.77
CA HIS B 249 26.09 -12.44 12.43
C HIS B 249 26.16 -11.01 12.98
N ARG B 250 27.33 -10.54 13.42
CA ARG B 250 27.54 -9.11 13.79
C ARG B 250 28.61 -8.44 12.93
N ARG B 251 29.66 -9.16 12.52
CA ARG B 251 30.83 -8.53 11.85
C ARG B 251 30.43 -8.09 10.44
N PRO B 252 31.17 -7.11 9.86
CA PRO B 252 30.89 -6.64 8.51
C PRO B 252 30.93 -7.74 7.44
N TRP B 253 30.01 -7.62 6.48
CA TRP B 253 30.02 -8.47 5.28
C TRP B 253 31.20 -8.06 4.40
N GLU B 254 32.00 -9.07 4.00
CA GLU B 254 33.12 -8.92 3.03
C GLU B 254 32.99 -10.10 2.07
N GLU B 255 32.72 -9.84 0.79
CA GLU B 255 32.45 -10.91 -0.21
C GLU B 255 33.37 -12.11 0.07
N GLY B 256 32.78 -13.28 0.27
CA GLY B 256 33.47 -14.54 0.60
C GLY B 256 33.17 -14.99 2.01
N ASN B 257 32.87 -14.07 2.94
CA ASN B 257 32.64 -14.46 4.37
C ASN B 257 31.17 -14.79 4.64
N ARG B 258 30.24 -14.47 3.74
CA ARG B 258 28.80 -14.82 3.80
C ARG B 258 28.14 -14.21 5.07
N GLU B 259 28.78 -13.22 5.71
CA GLU B 259 28.18 -12.58 6.92
C GLU B 259 26.98 -11.73 6.50
N ASP B 260 25.95 -11.69 7.34
CA ASP B 260 24.63 -11.08 6.99
C ASP B 260 24.29 -9.90 7.90
N GLY B 261 25.05 -9.64 8.97
CA GLY B 261 24.73 -8.53 9.89
C GLY B 261 23.38 -8.69 10.58
N TYR B 262 22.81 -9.90 10.65
CA TYR B 262 21.47 -10.15 11.23
C TYR B 262 21.42 -9.61 12.67
N LEU B 263 22.36 -10.01 13.52
CA LEU B 263 22.31 -9.60 14.95
C LEU B 263 22.71 -8.15 15.14
N LEU B 264 23.50 -7.56 14.23
CA LEU B 264 23.73 -6.10 14.25
C LEU B 264 22.37 -5.41 14.09
N GLY B 265 21.57 -5.88 13.14
CA GLY B 265 20.20 -5.40 12.92
C GLY B 265 19.34 -5.52 14.16
N LEU B 266 19.33 -6.69 14.79
CA LEU B 266 18.44 -6.91 15.95
C LEU B 266 18.94 -6.06 17.13
N ASP B 267 20.25 -5.97 17.36
CA ASP B 267 20.82 -5.08 18.42
C ASP B 267 20.28 -3.65 18.21
N ASN B 268 20.30 -3.15 16.98
CA ASN B 268 19.94 -1.74 16.67
C ASN B 268 18.43 -1.58 16.85
N LEU B 269 17.66 -2.55 16.40
CA LEU B 269 16.18 -2.58 16.54
C LEU B 269 15.82 -2.52 18.02
N ILE B 270 16.41 -3.38 18.86
CA ILE B 270 16.19 -3.36 20.34
C ILE B 270 16.57 -1.98 20.88
N GLY B 271 17.70 -1.42 20.44
CA GLY B 271 18.15 -0.11 20.92
C GLY B 271 17.10 0.94 20.64
N ILE B 272 16.58 0.92 19.43
CA ILE B 272 15.65 1.99 18.95
C ILE B 272 14.36 1.87 19.74
N LEU B 273 13.82 0.67 19.93
CA LEU B 273 12.54 0.48 20.66
C LEU B 273 12.74 0.81 22.15
N ALA B 274 13.91 0.50 22.71
CA ALA B 274 14.26 0.87 24.09
C ALA B 274 14.26 2.40 24.21
N SER B 275 14.83 3.11 23.22
CA SER B 275 14.87 4.60 23.23
C SER B 275 13.42 5.10 23.21
N LEU B 276 12.61 4.56 22.31
CA LEU B 276 11.19 4.96 22.10
C LEU B 276 10.43 4.80 23.42
N ALA B 277 10.67 3.70 24.14
CA ALA B 277 9.99 3.38 25.42
C ALA B 277 10.32 4.44 26.49
N GLU B 278 11.49 5.08 26.40
CA GLU B 278 11.93 6.11 27.39
C GLU B 278 11.30 7.47 27.07
N ARG B 279 10.85 7.69 25.84
CA ARG B 279 10.28 8.98 25.37
C ARG B 279 8.98 9.28 26.12
PB ADP C . -12.10 0.25 -8.45
O1B ADP C . -10.79 -0.09 -7.75
O2B ADP C . -12.96 1.20 -7.63
O3B ADP C . -12.86 -0.99 -8.90
PA ADP C . -11.24 2.53 -10.13
O1A ADP C . -11.48 3.38 -8.93
O2A ADP C . -11.88 2.93 -11.42
O3A ADP C . -11.70 1.02 -9.81
O5' ADP C . -9.65 2.36 -10.35
C5' ADP C . -8.82 1.93 -9.22
C4' ADP C . -7.38 2.33 -9.48
O4' ADP C . -6.94 1.74 -10.75
C3' ADP C . -7.12 3.83 -9.63
O3' ADP C . -6.90 4.46 -8.38
C2' ADP C . -5.87 3.83 -10.51
O2' ADP C . -4.70 3.58 -9.75
C1' ADP C . -6.16 2.67 -11.46
N9 ADP C . -6.88 3.04 -12.68
C8 ADP C . -8.23 3.21 -12.84
N7 ADP C . -8.59 3.48 -14.06
C5 ADP C . -7.40 3.51 -14.77
C6 ADP C . -7.10 3.75 -16.12
N6 ADP C . -8.02 3.99 -17.06
N1 ADP C . -5.80 3.68 -16.50
C2 ADP C . -4.88 3.42 -15.57
N3 ADP C . -5.05 3.18 -14.28
C4 ADP C . -6.34 3.23 -13.93
C1 7I8 D . -16.54 0.48 -1.05
C1 7I8 D . -16.69 0.61 -1.03
O1 7I8 D . -17.05 0.17 -2.36
O1 7I8 D . -17.18 0.28 -2.35
C2 7I8 D . -16.43 -0.80 -0.24
C2 7I8 D . -16.52 -0.67 -0.24
C3 7I8 D . -15.92 -0.50 1.17
C3 7I8 D . -16.00 -0.40 1.17
C4 7I8 D . -14.58 0.22 1.04
C4 7I8 D . -14.69 0.37 1.03
C5 7I8 D . -14.72 1.48 0.20
C5 7I8 D . -14.89 1.64 0.22
P6 7I8 D . -13.51 1.48 -4.03
P6 7I8 D . -15.04 3.27 -4.59
O56 7I8 D . -13.07 2.59 -4.97
O56 7I8 D . -14.65 2.46 -5.81
O46 7I8 D . -12.66 1.41 -2.79
O46 7I8 D . -13.86 3.94 -3.93
O66 7I8 D . -13.66 0.16 -4.74
O66 7I8 D . -16.18 4.22 -4.87
O36 7I8 D . -15.00 1.89 -3.53
O36 7I8 D . -15.59 2.21 -3.49
O12 7I8 D . -19.61 -3.07 -0.04
O12 7I8 D . -19.67 -3.01 -0.01
O2 7I8 D . -17.72 -1.43 -0.15
O2 7I8 D . -17.80 -1.35 -0.14
O22 7I8 D . -17.65 -3.51 -1.56
O22 7I8 D . -17.72 -3.41 -1.57
C06 7I8 D . -15.18 2.30 -2.15
C06 7I8 D . -15.43 2.52 -2.09
P2 7I8 D . -18.12 -3.01 -0.21
P2 7I8 D . -18.17 -2.93 -0.21
O32 7I8 D . -17.35 -3.64 0.94
O32 7I8 D . -17.38 -3.57 0.93
C6 7I8 D . -15.17 1.11 -1.22
C6 7I8 D . -15.34 1.30 -1.20
O3 7I8 D . -15.75 -1.73 1.88
O3 7I8 D . -15.79 -1.63 1.85
O4 7I8 D . -14.11 0.59 2.35
O4 7I8 D . -14.19 0.72 2.34
O5 7I8 D . -13.49 2.19 0.16
O5 7I8 D . -13.69 2.42 0.19
P1 7I8 D . -18.44 0.51 -3.13
P1 7I8 D . -18.61 0.50 -3.08
O11 7I8 D . -18.90 1.83 -2.56
O11 7I8 D . -19.22 1.71 -2.39
O21 7I8 D . -19.37 -0.64 -2.77
O21 7I8 D . -19.38 -0.78 -2.82
O31 7I8 D . -18.12 0.57 -4.61
O31 7I8 D . -18.34 0.74 -4.56
P4 7I8 D . -12.81 1.12 3.17
P4 7I8 D . -12.86 1.05 3.20
O14 7I8 D . -13.14 2.53 3.61
O14 7I8 D . -12.93 0.21 4.46
O24 7I8 D . -12.62 0.17 4.35
O24 7I8 D . -12.90 2.54 3.49
O34 7I8 D . -11.66 1.06 2.19
O34 7I8 D . -11.71 0.68 2.29
C1 GOL E . 1.13 12.71 -20.70
O1 GOL E . 0.90 11.67 -21.65
C2 GOL E . -0.15 13.13 -20.01
O2 GOL E . -1.27 12.85 -20.83
C3 GOL E . -0.20 14.59 -19.58
O3 GOL E . 1.10 15.18 -19.42
MN MN F . -13.11 3.48 -7.28
PB ADP G . 6.91 -13.36 0.31
O1B ADP G . 8.23 -12.62 0.37
O2B ADP G . 6.94 -14.55 -0.62
O3B ADP G . 5.74 -12.43 0.03
PA ADP G . 6.93 -13.50 3.30
O1A ADP G . 7.85 -12.32 3.33
O2A ADP G . 7.31 -14.71 4.08
O3A ADP G . 6.66 -13.98 1.78
O5' ADP G . 5.45 -13.02 3.72
C5' ADP G . 4.84 -11.84 3.10
C4' ADP G . 3.89 -11.21 4.10
O4' ADP G . 2.83 -12.15 4.42
C3' ADP G . 4.50 -10.84 5.45
O3' ADP G . 5.07 -9.54 5.45
C2' ADP G . 3.29 -10.92 6.38
O2' ADP G . 2.47 -9.78 6.30
C1' ADP G . 2.54 -12.12 5.80
N9 ADP G . 2.91 -13.42 6.38
C8 ADP G . 3.96 -14.22 6.03
N7 ADP G . 4.00 -15.35 6.69
C5 ADP G . 2.88 -15.31 7.51
C6 ADP G . 2.36 -16.22 8.45
N6 ADP G . 2.91 -17.40 8.71
N1 ADP G . 1.24 -15.87 9.12
C2 ADP G . 0.68 -14.68 8.84
N3 ADP G . 1.08 -13.74 7.98
C4 ADP G . 2.20 -14.12 7.33
C1 7I8 H . 13.94 -9.49 -4.92
O1 7I8 H . 13.57 -10.87 -4.83
C2 7I8 H . 13.48 -8.97 -6.28
C3 7I8 H . 13.66 -7.48 -6.42
C4 7I8 H . 12.87 -6.82 -5.31
C5 7I8 H . 13.39 -7.24 -3.94
P6 7I8 H . 11.63 -9.97 -1.17
O56 7I8 H . 10.60 -10.84 -1.87
O46 7I8 H . 11.37 -8.49 -1.36
O66 7I8 H . 11.82 -10.35 0.29
O36 7I8 H . 13.05 -10.30 -1.88
O12 7I8 H . 13.19 -9.45 -9.51
O2 7I8 H . 14.26 -9.64 -7.29
O22 7I8 H . 15.11 -11.05 -9.17
C06 7I8 H . 13.83 -9.22 -2.43
P2 7I8 H . 13.82 -10.49 -8.61
O32 7I8 H . 12.85 -11.56 -8.16
C6 7I8 H . 13.27 -8.76 -3.76
O3 7I8 H . 13.17 -7.04 -7.68
O4 7I8 H . 12.97 -5.39 -5.41
O5 7I8 H . 12.65 -6.58 -2.92
P1 7I8 H . 14.39 -12.27 -4.63
O11 7I8 H . 15.46 -11.95 -3.61
O21 7I8 H . 14.94 -12.62 -6.00
O31 7I8 H . 13.37 -13.28 -4.13
P4 7I8 H . 12.37 -3.97 -4.87
O14 7I8 H . 11.70 -3.33 -6.08
O24 7I8 H . 11.38 -4.37 -3.80
O34 7I8 H . 13.53 -3.17 -4.33
MN MN I . 9.77 -11.85 2.00
#